data_1P2H
#
_entry.id   1P2H
#
_cell.length_a   44.693
_cell.length_b   87.286
_cell.length_c   76.993
_cell.angle_alpha   90.00
_cell.angle_beta   104.35
_cell.angle_gamma   90.00
#
_symmetry.space_group_name_H-M   'P 1 21 1'
#
loop_
_entity.id
_entity.type
_entity.pdbx_description
1 polymer 'flavocytochrome c3'
2 non-polymer 'SODIUM ION'
3 non-polymer 'PROTOPORPHYRIN IX CONTAINING FE'
4 non-polymer 'FLAVIN-ADENINE DINUCLEOTIDE'
5 non-polymer 'MALATE LIKE INTERMEDIATE'
6 water water
#
_entity_poly.entity_id   1
_entity_poly.type   'polypeptide(L)'
_entity_poly.pdbx_seq_one_letter_code
;ADNLAEFHVQNQECDSCHTPDGELSNDSLTYENTQCVSCHGTLAEVAETTKHEHYNAHASMFPGEVACTSCHSAHEKSMV
YCDSCHSFDFNMPYAKKWLRDEPTIAELAKDKSERQAALASAPHDTVDVVVVGSGGAGFSAAISATDSGAKVILIEKEPV
IGGNAKLAAGGMNAAWTDQQKAKKITDSPELMFEDTMKGGQNINDPALVKVLSSHSKDSVDWMTAMGADLTDVGMMGGAS
VNRAHRPTGGAGVGAHVVQVLYDNAVKRNIDLRMNTRGIEVLKDDKGTVKGILVKGMYKGYYWVKADAVILATGGFAKNN
ERVAKLDPSLKGFISTNQPGAVGDGLDVAENAGGALKDMQYIQAHPTLSVKGGVMVTEAVRGNGAILVNREGKRFVNEIT
TRDKASAAILAQTGKSAYLIFDDSVRKSLSKIDKYIGLGVAPTADSLVKLGKMEGIDGKALTETVARYNSLVSSGKDTDF
ERPNLPRALNEGNYYAIEVTPGVHHTMGGVMIDTKAEVMNAKKQVIPGLYGAGEVTGGVHGANRLGGNAISDIITFGRLA
GEEAAKYSKKN
;
_entity_poly.pdbx_strand_id   A
#
# COMPACT_ATOMS: atom_id res chain seq x y z
N ALA A 1 -11.76 1.92 -36.83
CA ALA A 1 -10.75 1.02 -36.22
C ALA A 1 -11.20 0.80 -34.78
N ASP A 2 -11.59 -0.44 -34.54
CA ASP A 2 -12.09 -0.98 -33.32
C ASP A 2 -11.04 -1.33 -32.28
N ASN A 3 -9.75 -1.23 -32.51
CA ASN A 3 -8.77 -1.61 -31.49
C ASN A 3 -7.47 -0.95 -31.98
N LEU A 4 -6.48 -0.83 -31.13
CA LEU A 4 -5.23 -0.18 -31.42
C LEU A 4 -4.32 -0.89 -32.42
N ALA A 5 -4.26 -2.21 -32.37
CA ALA A 5 -3.40 -2.95 -33.33
C ALA A 5 -4.08 -2.72 -34.72
N GLU A 6 -5.39 -2.89 -34.79
CA GLU A 6 -6.15 -2.65 -36.03
C GLU A 6 -5.85 -1.27 -36.58
N PHE A 7 -6.11 -0.29 -35.67
CA PHE A 7 -5.73 1.06 -36.01
C PHE A 7 -4.27 0.96 -36.44
N HIS A 8 -3.26 0.52 -35.71
CA HIS A 8 -1.89 0.58 -36.27
C HIS A 8 -1.62 -0.33 -37.49
N VAL A 9 -2.34 -1.45 -37.65
CA VAL A 9 -1.99 -2.30 -38.83
C VAL A 9 -2.16 -1.48 -40.11
N GLN A 10 -3.30 -0.82 -40.30
CA GLN A 10 -3.55 0.20 -41.30
C GLN A 10 -2.33 0.71 -42.04
N ASN A 11 -1.28 1.12 -41.42
CA ASN A 11 -0.10 1.64 -42.06
C ASN A 11 1.16 1.05 -41.41
N GLN A 12 1.08 -0.19 -40.93
CA GLN A 12 2.32 -0.67 -40.28
C GLN A 12 2.36 -2.19 -40.24
N GLU A 13 3.50 -2.87 -40.18
CA GLU A 13 3.47 -4.33 -40.19
C GLU A 13 3.48 -4.95 -38.79
N CYS A 14 2.80 -6.11 -38.66
CA CYS A 14 2.86 -6.84 -37.45
C CYS A 14 4.15 -6.81 -36.67
N ASP A 15 5.29 -6.91 -37.32
CA ASP A 15 6.53 -6.96 -36.59
C ASP A 15 7.10 -5.59 -36.23
N SER A 16 6.29 -4.56 -36.33
CA SER A 16 6.80 -3.30 -35.78
C SER A 16 6.60 -3.43 -34.25
N CYS A 17 5.61 -4.23 -33.83
CA CYS A 17 5.33 -4.50 -32.43
C CYS A 17 5.85 -5.81 -31.86
N HIS A 18 5.88 -6.88 -32.66
CA HIS A 18 6.25 -8.21 -32.28
C HIS A 18 7.63 -8.68 -32.66
N THR A 19 8.05 -9.70 -31.94
CA THR A 19 9.32 -10.37 -32.21
C THR A 19 9.22 -11.14 -33.53
N PRO A 20 10.34 -11.53 -34.08
CA PRO A 20 10.42 -12.21 -35.42
C PRO A 20 9.62 -13.49 -35.54
N ASP A 21 9.53 -14.36 -34.50
CA ASP A 21 8.58 -15.45 -34.53
C ASP A 21 7.19 -14.96 -34.15
N GLY A 22 6.94 -13.84 -33.49
CA GLY A 22 5.63 -13.33 -33.21
C GLY A 22 5.02 -13.78 -31.89
N GLU A 23 5.70 -14.69 -31.22
CA GLU A 23 5.34 -15.10 -29.86
C GLU A 23 5.66 -13.93 -28.90
N LEU A 24 4.81 -13.71 -27.94
CA LEU A 24 4.88 -12.73 -26.87
C LEU A 24 6.16 -12.96 -26.09
N SER A 25 6.93 -11.88 -25.86
CA SER A 25 8.23 -12.08 -25.22
C SER A 25 8.17 -12.77 -23.84
N ASN A 26 7.23 -12.36 -23.00
CA ASN A 26 6.98 -12.83 -21.68
C ASN A 26 5.68 -12.19 -21.22
N ASP A 27 5.29 -12.51 -19.97
CA ASP A 27 4.06 -11.97 -19.40
C ASP A 27 4.29 -10.47 -19.07
N SER A 28 5.47 -9.94 -18.94
CA SER A 28 5.68 -8.51 -18.74
C SER A 28 5.63 -7.77 -20.08
N LEU A 29 5.53 -8.45 -21.20
CA LEU A 29 5.53 -7.84 -22.53
C LEU A 29 6.72 -6.89 -22.74
N THR A 30 7.89 -7.27 -22.32
CA THR A 30 9.09 -6.47 -22.38
C THR A 30 9.52 -5.93 -23.75
N TYR A 31 9.62 -6.88 -24.68
CA TYR A 31 9.94 -6.62 -26.06
C TYR A 31 8.91 -5.71 -26.65
N GLU A 32 7.64 -6.05 -26.53
CA GLU A 32 6.53 -5.33 -27.06
C GLU A 32 6.32 -3.92 -26.48
N ASN A 33 6.71 -3.62 -25.24
CA ASN A 33 6.52 -2.25 -24.70
C ASN A 33 7.70 -1.39 -25.15
N THR A 34 8.89 -2.03 -25.15
CA THR A 34 10.04 -1.45 -25.82
C THR A 34 9.64 -0.95 -27.25
N GLN A 35 8.87 -1.75 -28.00
CA GLN A 35 8.54 -1.25 -29.35
C GLN A 35 7.75 0.03 -29.24
N CYS A 36 6.75 0.11 -28.38
CA CYS A 36 5.98 1.29 -28.12
C CYS A 36 6.86 2.54 -27.86
N VAL A 37 7.84 2.33 -26.99
CA VAL A 37 8.75 3.38 -26.53
C VAL A 37 9.71 3.80 -27.63
N SER A 38 10.14 2.82 -28.47
CA SER A 38 10.93 3.26 -29.63
C SER A 38 10.07 4.15 -30.53
N CYS A 39 8.76 4.08 -30.72
CA CYS A 39 8.11 5.07 -31.57
C CYS A 39 7.41 6.23 -30.85
N HIS A 40 6.97 6.13 -29.59
CA HIS A 40 6.21 7.20 -28.98
C HIS A 40 6.93 7.94 -27.87
N GLY A 41 8.08 7.42 -27.58
CA GLY A 41 8.97 7.82 -26.54
C GLY A 41 8.69 7.11 -25.20
N THR A 42 9.58 7.28 -24.24
CA THR A 42 9.30 6.83 -22.89
C THR A 42 8.08 7.49 -22.23
N LEU A 43 7.75 6.97 -21.03
CA LEU A 43 6.60 7.47 -20.32
C LEU A 43 6.68 9.00 -20.17
N ALA A 44 7.79 9.50 -19.64
CA ALA A 44 7.93 10.96 -19.45
C ALA A 44 7.75 11.74 -20.75
N GLU A 45 8.44 11.23 -21.81
CA GLU A 45 8.29 11.88 -23.11
C GLU A 45 6.82 11.93 -23.51
N VAL A 46 6.07 10.83 -23.38
CA VAL A 46 4.66 10.92 -23.76
C VAL A 46 3.85 11.86 -22.88
N ALA A 47 4.19 12.02 -21.60
CA ALA A 47 3.36 12.91 -20.75
C ALA A 47 3.58 14.33 -21.26
N GLU A 48 4.81 14.66 -21.64
CA GLU A 48 5.13 15.94 -22.28
C GLU A 48 4.17 16.32 -23.38
N THR A 49 3.48 15.44 -24.06
CA THR A 49 2.53 15.73 -25.11
C THR A 49 1.11 15.51 -24.66
N THR A 50 0.94 15.13 -23.38
CA THR A 50 -0.41 14.90 -22.88
C THR A 50 -0.89 15.87 -21.81
N LYS A 51 -0.05 16.83 -21.37
CA LYS A 51 -0.36 17.81 -20.36
C LYS A 51 -1.82 18.27 -20.30
N HIS A 52 -2.23 18.50 -19.08
CA HIS A 52 -3.42 19.03 -18.48
C HIS A 52 -2.84 19.67 -17.21
N GLU A 53 -3.25 20.89 -16.89
CA GLU A 53 -2.71 21.57 -15.72
C GLU A 53 -2.82 20.79 -14.42
N HIS A 54 -3.95 20.10 -14.16
CA HIS A 54 -4.04 19.36 -12.90
C HIS A 54 -3.85 17.85 -12.95
N TYR A 55 -3.80 17.27 -14.15
CA TYR A 55 -3.55 15.85 -14.26
C TYR A 55 -2.87 15.53 -15.60
N ASN A 56 -2.35 14.30 -15.63
CA ASN A 56 -1.64 13.80 -16.78
C ASN A 56 -1.52 12.28 -16.70
N ALA A 57 -2.31 11.63 -17.56
CA ALA A 57 -2.42 10.21 -17.73
C ALA A 57 -1.09 9.48 -17.66
N HIS A 58 -0.07 10.09 -18.22
CA HIS A 58 1.26 9.60 -18.33
C HIS A 58 2.21 10.15 -17.30
N ALA A 59 1.75 10.63 -16.17
CA ALA A 59 2.67 11.20 -15.22
C ALA A 59 3.07 10.40 -13.99
N SER A 60 2.12 10.29 -13.07
CA SER A 60 2.08 9.99 -11.69
C SER A 60 3.14 9.31 -10.84
N MET A 61 2.67 9.18 -9.58
CA MET A 61 3.44 8.71 -8.46
C MET A 61 3.94 7.29 -8.58
N PHE A 62 3.35 6.43 -9.40
CA PHE A 62 3.79 5.05 -9.52
C PHE A 62 5.29 4.95 -9.73
N PRO A 63 6.00 4.27 -8.84
CA PRO A 63 7.41 3.97 -8.96
C PRO A 63 7.70 2.90 -10.02
N GLY A 64 8.96 2.57 -10.30
CA GLY A 64 9.25 1.57 -11.34
C GLY A 64 8.97 1.98 -12.80
N GLU A 65 9.20 1.09 -13.79
CA GLU A 65 8.86 1.41 -15.21
C GLU A 65 7.46 0.88 -15.50
N VAL A 66 6.50 1.65 -15.90
CA VAL A 66 5.07 1.41 -15.99
C VAL A 66 4.78 1.13 -17.45
N ALA A 67 4.56 -0.12 -17.80
CA ALA A 67 4.35 -0.51 -19.17
C ALA A 67 3.26 0.28 -19.85
N CYS A 68 3.52 0.48 -21.18
CA CYS A 68 2.41 1.15 -21.91
C CYS A 68 1.21 0.25 -21.89
N THR A 69 1.48 -1.09 -21.99
CA THR A 69 0.38 -2.07 -21.99
C THR A 69 -0.30 -2.18 -20.62
N SER A 70 0.05 -1.44 -19.56
CA SER A 70 -0.79 -1.42 -18.35
C SER A 70 -2.18 -0.84 -18.67
N CYS A 71 -2.28 -0.01 -19.71
CA CYS A 71 -3.55 0.57 -20.10
C CYS A 71 -3.88 0.44 -21.57
N HIS A 72 -2.82 0.41 -22.41
CA HIS A 72 -3.13 0.25 -23.85
C HIS A 72 -3.04 -1.21 -24.25
N SER A 73 -4.05 -2.01 -24.49
CA SER A 73 -3.88 -3.37 -24.99
C SER A 73 -3.87 -3.16 -26.52
N ALA A 74 -3.46 -4.18 -27.25
CA ALA A 74 -3.30 -3.93 -28.70
C ALA A 74 -4.49 -4.44 -29.46
N HIS A 75 -4.92 -5.67 -29.16
CA HIS A 75 -5.98 -6.29 -29.94
C HIS A 75 -7.35 -6.29 -29.30
N GLU A 76 -7.46 -5.45 -28.25
CA GLU A 76 -8.79 -5.37 -27.63
C GLU A 76 -8.87 -4.00 -26.97
N LYS A 77 -10.12 -3.63 -26.69
CA LYS A 77 -10.23 -2.29 -26.04
C LYS A 77 -9.74 -2.53 -24.60
N SER A 78 -9.30 -1.49 -23.93
CA SER A 78 -8.86 -1.68 -22.54
C SER A 78 -9.07 -0.39 -21.74
N MET A 79 -8.73 -0.56 -20.46
CA MET A 79 -8.94 0.39 -19.39
C MET A 79 -7.82 1.21 -18.85
N VAL A 80 -8.12 2.46 -18.44
CA VAL A 80 -7.13 3.34 -17.81
C VAL A 80 -7.06 2.94 -16.31
N TYR A 81 -5.86 2.57 -15.90
CA TYR A 81 -5.56 2.11 -14.55
C TYR A 81 -5.89 3.20 -13.54
N CYS A 82 -5.66 4.48 -13.84
CA CYS A 82 -6.00 5.56 -12.93
C CYS A 82 -7.50 5.66 -12.66
N ASP A 83 -8.42 5.10 -13.43
CA ASP A 83 -9.81 5.06 -13.09
C ASP A 83 -10.12 4.10 -11.94
N SER A 84 -9.16 3.32 -11.38
CA SER A 84 -9.53 2.43 -10.30
C SER A 84 -9.72 3.26 -9.01
N CYS A 85 -9.19 4.46 -9.03
CA CYS A 85 -9.27 5.36 -7.90
C CYS A 85 -9.78 6.76 -8.23
N HIS A 86 -9.45 7.24 -9.42
CA HIS A 86 -9.87 8.58 -9.83
C HIS A 86 -10.88 8.54 -10.97
N SER A 87 -11.42 9.72 -11.25
CA SER A 87 -12.34 9.91 -12.39
C SER A 87 -11.82 11.06 -13.25
N PHE A 88 -10.55 11.15 -13.56
CA PHE A 88 -10.02 12.24 -14.36
C PHE A 88 -10.68 12.25 -15.72
N ASP A 89 -10.80 13.42 -16.31
CA ASP A 89 -11.47 13.44 -17.63
C ASP A 89 -10.57 12.76 -18.63
N PHE A 90 -10.87 11.52 -19.07
CA PHE A 90 -9.92 10.91 -20.02
C PHE A 90 -10.39 10.67 -21.44
N ASN A 91 -9.49 10.84 -22.42
CA ASN A 91 -9.95 10.42 -23.77
C ASN A 91 -9.06 9.26 -24.24
N MET A 92 -9.12 8.07 -23.58
CA MET A 92 -8.11 7.12 -24.10
C MET A 92 -8.64 6.52 -25.38
N PRO A 93 -7.83 6.53 -26.42
CA PRO A 93 -8.21 5.82 -27.66
C PRO A 93 -8.31 4.37 -27.28
N TYR A 94 -9.31 3.65 -27.66
CA TYR A 94 -9.81 2.31 -27.51
C TYR A 94 -10.24 1.95 -26.10
N ALA A 95 -10.59 2.97 -25.32
CA ALA A 95 -11.01 2.78 -23.92
C ALA A 95 -12.23 1.93 -23.76
N LYS A 96 -12.49 1.40 -22.60
CA LYS A 96 -13.61 0.71 -22.08
C LYS A 96 -13.59 1.13 -20.59
N LYS A 97 -14.76 1.12 -20.00
CA LYS A 97 -14.85 1.65 -18.60
C LYS A 97 -14.19 0.79 -17.54
N TRP A 98 -13.30 1.32 -16.71
CA TRP A 98 -12.68 0.52 -15.65
C TRP A 98 -13.66 -0.47 -15.07
N LEU A 99 -13.36 -1.74 -14.93
CA LEU A 99 -14.11 -2.73 -14.24
C LEU A 99 -13.13 -3.87 -13.85
N ARG A 100 -12.96 -4.11 -12.57
CA ARG A 100 -12.06 -5.18 -12.20
C ARG A 100 -12.87 -6.43 -11.94
N ASP A 101 -12.64 -7.48 -12.74
CA ASP A 101 -13.37 -8.72 -12.39
C ASP A 101 -12.34 -9.83 -12.51
N GLU A 102 -11.76 -10.22 -11.37
CA GLU A 102 -10.62 -11.21 -11.48
C GLU A 102 -11.13 -12.48 -10.87
N PRO A 103 -11.02 -13.61 -11.53
CA PRO A 103 -11.51 -14.83 -10.94
C PRO A 103 -10.83 -15.05 -9.60
N THR A 104 -11.52 -15.74 -8.71
CA THR A 104 -10.97 -16.02 -7.38
C THR A 104 -10.16 -17.30 -7.56
N ILE A 105 -9.32 -17.63 -6.62
CA ILE A 105 -8.56 -18.88 -6.79
C ILE A 105 -9.58 -20.01 -7.01
N ALA A 106 -10.62 -20.07 -6.18
CA ALA A 106 -11.61 -21.14 -6.27
C ALA A 106 -12.21 -21.16 -7.66
N GLU A 107 -12.55 -20.04 -8.28
CA GLU A 107 -13.09 -20.10 -9.61
C GLU A 107 -12.08 -20.73 -10.55
N LEU A 108 -10.76 -20.53 -10.34
CA LEU A 108 -9.78 -21.02 -11.27
C LEU A 108 -9.68 -22.54 -11.18
N ALA A 109 -10.36 -23.16 -10.25
CA ALA A 109 -10.58 -24.57 -10.17
C ALA A 109 -11.15 -25.03 -11.50
N LYS A 110 -11.92 -24.28 -12.23
CA LYS A 110 -12.49 -24.73 -13.50
C LYS A 110 -11.43 -25.05 -14.54
N ASP A 111 -10.22 -24.54 -14.41
CA ASP A 111 -9.16 -24.69 -15.40
C ASP A 111 -8.35 -25.95 -15.13
N LYS A 112 -8.94 -27.08 -14.79
CA LYS A 112 -8.20 -28.30 -14.47
C LYS A 112 -7.56 -29.01 -15.64
N SER A 113 -8.10 -28.79 -16.84
CA SER A 113 -7.41 -29.38 -18.01
C SER A 113 -6.12 -28.62 -18.22
N GLU A 114 -6.13 -27.30 -18.30
CA GLU A 114 -4.91 -26.51 -18.45
C GLU A 114 -3.97 -26.67 -17.24
N ARG A 115 -4.54 -26.68 -16.03
CA ARG A 115 -3.72 -26.76 -14.84
C ARG A 115 -2.97 -28.10 -14.78
N GLN A 116 -3.71 -29.19 -15.00
CA GLN A 116 -3.14 -30.54 -15.04
C GLN A 116 -2.05 -30.63 -16.09
N ALA A 117 -2.30 -30.11 -17.28
CA ALA A 117 -1.23 -30.16 -18.29
C ALA A 117 -0.02 -29.38 -17.86
N ALA A 118 -0.23 -28.24 -17.14
CA ALA A 118 0.94 -27.42 -16.80
C ALA A 118 1.79 -28.22 -15.84
N LEU A 119 1.11 -28.87 -14.95
CA LEU A 119 1.68 -29.61 -13.85
C LEU A 119 2.35 -30.88 -14.30
N ALA A 120 1.78 -31.49 -15.36
CA ALA A 120 2.46 -32.65 -15.98
C ALA A 120 3.67 -32.21 -16.79
N SER A 121 3.84 -30.96 -17.25
CA SER A 121 5.07 -30.59 -17.91
C SER A 121 6.19 -30.37 -16.87
N ALA A 122 7.36 -30.24 -17.49
CA ALA A 122 8.52 -29.81 -16.69
C ALA A 122 8.30 -28.37 -16.17
N PRO A 123 8.97 -28.06 -15.07
CA PRO A 123 8.98 -26.73 -14.54
C PRO A 123 9.43 -25.78 -15.65
N HIS A 124 8.83 -24.61 -15.74
CA HIS A 124 9.32 -23.60 -16.69
C HIS A 124 10.63 -23.05 -16.17
N ASP A 125 10.87 -22.85 -14.86
CA ASP A 125 12.19 -22.47 -14.35
C ASP A 125 12.57 -23.32 -13.18
N THR A 126 13.77 -23.40 -12.64
CA THR A 126 14.04 -24.07 -11.37
C THR A 126 14.87 -23.14 -10.53
N VAL A 127 14.37 -22.68 -9.34
CA VAL A 127 15.16 -21.67 -8.60
C VAL A 127 15.07 -22.09 -7.16
N ASP A 128 15.70 -21.29 -6.28
CA ASP A 128 15.62 -21.59 -4.89
C ASP A 128 14.38 -20.91 -4.32
N VAL A 129 14.04 -19.65 -4.70
CA VAL A 129 12.93 -19.01 -3.96
C VAL A 129 11.91 -18.27 -4.84
N VAL A 130 10.58 -18.47 -4.66
CA VAL A 130 9.62 -17.68 -5.45
C VAL A 130 8.93 -16.71 -4.49
N VAL A 131 8.96 -15.44 -4.86
CA VAL A 131 8.32 -14.46 -3.92
C VAL A 131 7.08 -13.94 -4.66
N VAL A 132 5.92 -14.12 -4.01
CA VAL A 132 4.68 -13.69 -4.64
C VAL A 132 4.25 -12.30 -4.22
N GLY A 133 4.22 -11.29 -5.12
CA GLY A 133 3.65 -9.98 -4.80
C GLY A 133 4.81 -8.98 -4.74
N SER A 134 4.70 -7.89 -5.52
CA SER A 134 5.68 -6.86 -5.62
C SER A 134 5.39 -5.58 -4.77
N GLY A 135 4.80 -5.68 -3.60
CA GLY A 135 4.68 -4.53 -2.68
C GLY A 135 5.97 -4.47 -1.86
N GLY A 136 5.89 -3.95 -0.60
CA GLY A 136 7.11 -3.68 0.16
C GLY A 136 7.74 -4.93 0.71
N ALA A 137 6.91 -5.86 1.13
CA ALA A 137 7.38 -7.09 1.72
C ALA A 137 7.97 -7.91 0.57
N GLY A 138 7.38 -7.86 -0.65
CA GLY A 138 7.89 -8.77 -1.70
C GLY A 138 9.29 -8.40 -2.18
N PHE A 139 9.51 -7.13 -2.43
CA PHE A 139 10.84 -6.62 -2.91
C PHE A 139 11.89 -6.92 -1.87
N SER A 140 11.60 -6.61 -0.61
CA SER A 140 12.50 -6.78 0.52
C SER A 140 12.89 -8.26 0.63
N ALA A 141 11.86 -9.09 0.44
CA ALA A 141 12.12 -10.52 0.54
C ALA A 141 12.97 -10.99 -0.62
N ALA A 142 12.69 -10.50 -1.83
CA ALA A 142 13.50 -10.95 -2.94
C ALA A 142 14.95 -10.54 -2.65
N ILE A 143 15.12 -9.28 -2.23
CA ILE A 143 16.44 -8.72 -2.03
C ILE A 143 17.22 -9.47 -0.97
N SER A 144 16.61 -9.66 0.19
CA SER A 144 17.32 -10.35 1.26
C SER A 144 17.64 -11.80 0.86
N ALA A 145 16.79 -12.55 0.18
CA ALA A 145 17.10 -13.89 -0.29
C ALA A 145 18.19 -13.81 -1.37
N THR A 146 18.15 -12.95 -2.37
CA THR A 146 19.27 -12.82 -3.28
C THR A 146 20.56 -12.61 -2.49
N ASP A 147 20.57 -11.66 -1.53
CA ASP A 147 21.76 -11.31 -0.78
C ASP A 147 22.21 -12.40 0.20
N SER A 148 21.29 -13.36 0.48
CA SER A 148 21.63 -14.50 1.25
C SER A 148 22.10 -15.62 0.30
N GLY A 149 22.35 -15.35 -0.97
CA GLY A 149 22.75 -16.40 -1.92
C GLY A 149 21.65 -17.36 -2.35
N ALA A 150 20.43 -16.88 -2.55
CA ALA A 150 19.35 -17.68 -3.13
C ALA A 150 19.09 -17.09 -4.51
N LYS A 151 18.57 -17.85 -5.47
CA LYS A 151 18.21 -17.33 -6.78
C LYS A 151 16.68 -17.14 -6.69
N VAL A 152 16.19 -15.97 -7.08
CA VAL A 152 14.77 -15.63 -6.86
C VAL A 152 13.98 -15.38 -8.09
N ILE A 153 12.70 -15.63 -8.12
CA ILE A 153 11.78 -15.18 -9.17
C ILE A 153 10.71 -14.30 -8.45
N LEU A 154 10.49 -13.05 -8.91
CA LEU A 154 9.50 -12.27 -8.13
C LEU A 154 8.27 -12.04 -9.01
N ILE A 155 7.09 -12.46 -8.57
CA ILE A 155 5.90 -12.37 -9.46
C ILE A 155 4.87 -11.40 -8.92
N GLU A 156 4.22 -10.68 -9.85
CA GLU A 156 3.21 -9.66 -9.45
C GLU A 156 2.04 -9.85 -10.35
N LYS A 157 0.84 -10.08 -9.88
CA LYS A 157 -0.29 -10.26 -10.80
C LYS A 157 -0.73 -8.97 -11.52
N GLU A 158 -0.55 -7.79 -10.96
CA GLU A 158 -0.96 -6.55 -11.57
C GLU A 158 -0.02 -6.25 -12.79
N PRO A 159 -0.34 -5.21 -13.50
CA PRO A 159 0.53 -4.75 -14.60
C PRO A 159 1.60 -3.92 -14.01
N VAL A 160 1.41 -3.37 -12.81
CA VAL A 160 2.36 -2.41 -12.20
C VAL A 160 2.88 -2.86 -10.86
N ILE A 161 4.07 -2.51 -10.42
CA ILE A 161 4.54 -2.97 -9.15
C ILE A 161 4.02 -2.14 -7.92
N GLY A 162 4.40 -2.64 -6.75
CA GLY A 162 4.19 -1.79 -5.56
C GLY A 162 2.93 -2.02 -4.78
N GLY A 163 1.90 -2.68 -5.29
CA GLY A 163 0.76 -3.01 -4.41
C GLY A 163 0.27 -1.71 -3.76
N ASN A 164 -0.22 -1.84 -2.52
CA ASN A 164 -0.62 -0.74 -1.71
C ASN A 164 0.59 0.03 -1.23
N ALA A 165 1.76 -0.62 -1.17
CA ALA A 165 2.93 0.00 -0.60
C ALA A 165 3.35 1.29 -1.28
N LYS A 166 3.19 1.37 -2.58
CA LYS A 166 3.51 2.53 -3.36
C LYS A 166 2.51 3.68 -3.07
N LEU A 167 1.44 3.52 -2.35
CA LEU A 167 0.52 4.51 -2.00
C LEU A 167 0.88 5.13 -0.65
N ALA A 168 1.88 4.62 0.10
CA ALA A 168 2.04 5.02 1.47
C ALA A 168 2.48 6.47 1.58
N ALA A 169 2.01 7.09 2.64
CA ALA A 169 2.20 8.51 2.84
C ALA A 169 2.92 8.86 4.12
N GLY A 170 2.22 8.86 5.26
CA GLY A 170 2.64 9.38 6.55
C GLY A 170 3.97 8.79 7.03
N GLY A 171 4.25 7.51 6.77
CA GLY A 171 5.56 7.03 7.22
C GLY A 171 5.80 5.62 7.70
N MET A 172 7.05 5.38 8.15
CA MET A 172 7.50 4.07 8.58
C MET A 172 7.87 4.05 10.04
N ASN A 173 7.17 3.47 10.97
CA ASN A 173 7.60 3.55 12.35
C ASN A 173 8.90 2.82 12.70
N ALA A 174 9.85 3.54 13.29
CA ALA A 174 11.07 2.90 13.79
C ALA A 174 11.43 3.56 15.13
N ALA A 175 12.02 2.81 16.04
CA ALA A 175 12.43 3.39 17.32
C ALA A 175 13.79 2.74 17.65
N TRP A 176 14.63 3.53 18.15
CA TRP A 176 15.38 4.48 18.76
C TRP A 176 16.51 4.66 17.76
N THR A 177 15.97 5.18 16.68
CA THR A 177 16.87 5.37 15.55
C THR A 177 17.76 6.55 15.80
N ASP A 178 18.70 6.71 14.84
CA ASP A 178 19.53 7.91 14.93
C ASP A 178 18.67 9.04 14.38
N GLN A 179 17.84 8.71 13.41
CA GLN A 179 16.92 9.71 12.86
C GLN A 179 16.05 10.29 13.97
N GLN A 180 15.45 9.61 14.93
CA GLN A 180 14.78 10.32 16.01
C GLN A 180 15.80 11.07 16.90
N LYS A 181 17.04 10.55 17.01
CA LYS A 181 18.12 11.12 17.79
C LYS A 181 18.46 12.49 17.19
N ALA A 182 18.76 12.48 15.89
CA ALA A 182 19.06 13.80 15.33
C ALA A 182 17.83 14.68 15.52
N LYS A 183 16.57 14.26 15.39
CA LYS A 183 15.51 15.29 15.49
C LYS A 183 15.17 15.64 16.93
N LYS A 184 15.83 15.01 17.89
CA LYS A 184 15.74 15.26 19.29
C LYS A 184 14.51 14.59 19.88
N ILE A 185 14.21 13.43 19.25
CA ILE A 185 13.12 12.60 19.72
C ILE A 185 13.76 11.59 20.64
N THR A 186 13.06 11.09 21.63
CA THR A 186 13.57 10.10 22.57
C THR A 186 12.47 9.04 22.68
N ASP A 187 12.86 7.84 22.26
CA ASP A 187 12.00 6.66 22.21
C ASP A 187 12.79 5.39 22.52
N SER A 188 12.18 4.27 22.85
CA SER A 188 12.82 2.98 23.03
C SER A 188 11.97 1.96 22.30
N PRO A 189 12.45 0.79 21.89
CA PRO A 189 11.65 -0.19 21.18
C PRO A 189 10.68 -0.79 22.14
N GLU A 190 10.99 -0.68 23.43
CA GLU A 190 10.01 -0.99 24.46
C GLU A 190 8.76 -0.11 24.35
N LEU A 191 8.96 1.17 24.08
CA LEU A 191 7.88 2.15 23.97
C LEU A 191 7.12 1.96 22.65
N MET A 192 7.85 1.85 21.56
CA MET A 192 7.22 1.42 20.26
C MET A 192 6.48 0.11 20.49
N PHE A 193 6.97 -0.88 21.23
CA PHE A 193 6.31 -2.14 21.54
C PHE A 193 5.05 -1.98 22.35
N GLU A 194 5.17 -1.04 23.35
CA GLU A 194 4.02 -0.86 24.26
C GLU A 194 3.02 0.08 23.58
N ASP A 195 3.46 1.02 22.74
CA ASP A 195 2.42 1.72 21.95
C ASP A 195 1.65 0.71 21.07
N THR A 196 2.46 -0.19 20.46
CA THR A 196 1.87 -1.18 19.56
C THR A 196 0.86 -2.08 20.24
N MET A 197 1.36 -2.70 21.32
CA MET A 197 0.50 -3.61 22.03
C MET A 197 -0.74 -2.94 22.54
N LYS A 198 -0.65 -1.76 23.14
CA LYS A 198 -1.90 -1.13 23.65
C LYS A 198 -2.78 -0.72 22.47
N GLY A 199 -2.16 -0.19 21.37
CA GLY A 199 -2.89 0.23 20.20
C GLY A 199 -3.69 -0.90 19.58
N GLY A 200 -3.08 -2.11 19.64
CA GLY A 200 -3.82 -3.28 19.16
C GLY A 200 -4.74 -3.91 20.20
N GLN A 201 -4.80 -3.29 21.40
CA GLN A 201 -5.71 -3.79 22.44
C GLN A 201 -5.16 -5.09 23.02
N ASN A 202 -3.84 -5.20 23.08
CA ASN A 202 -3.27 -6.43 23.60
C ASN A 202 -3.67 -7.70 22.86
N ILE A 203 -4.19 -7.64 21.65
CA ILE A 203 -4.57 -8.78 20.86
C ILE A 203 -3.37 -9.34 20.12
N ASN A 204 -2.52 -8.40 19.81
CA ASN A 204 -1.29 -8.70 19.08
C ASN A 204 -0.64 -9.96 19.68
N ASP A 205 0.03 -10.71 18.82
CA ASP A 205 0.94 -11.73 19.23
C ASP A 205 2.20 -10.97 19.67
N PRO A 206 2.55 -11.14 20.97
CA PRO A 206 3.70 -10.44 21.51
C PRO A 206 5.02 -10.70 20.89
N ALA A 207 5.30 -11.91 20.38
CA ALA A 207 6.60 -12.21 19.79
C ALA A 207 6.73 -11.59 18.44
N LEU A 208 5.62 -11.53 17.68
CA LEU A 208 5.74 -10.82 16.39
C LEU A 208 5.90 -9.33 16.71
N VAL A 209 5.14 -8.82 17.70
CA VAL A 209 5.33 -7.36 17.98
C VAL A 209 6.76 -7.15 18.44
N LYS A 210 7.16 -8.09 19.37
CA LYS A 210 8.56 -7.99 19.77
C LYS A 210 9.47 -7.92 18.56
N VAL A 211 9.35 -8.65 17.46
CA VAL A 211 10.23 -8.57 16.28
C VAL A 211 10.07 -7.22 15.64
N LEU A 212 8.81 -6.73 15.57
CA LEU A 212 8.54 -5.44 14.89
C LEU A 212 9.34 -4.30 15.51
N SER A 213 9.24 -4.20 16.82
CA SER A 213 9.94 -3.11 17.55
C SER A 213 11.44 -3.34 17.55
N SER A 214 11.80 -4.55 18.00
CA SER A 214 13.25 -4.86 18.13
C SER A 214 13.92 -4.69 16.81
N HIS A 215 13.34 -5.01 15.65
CA HIS A 215 14.00 -4.83 14.36
C HIS A 215 13.82 -3.54 13.58
N SER A 216 12.95 -2.66 14.08
CA SER A 216 12.56 -1.45 13.34
C SER A 216 13.68 -0.52 13.03
N LYS A 217 14.60 -0.28 14.00
CA LYS A 217 15.77 0.58 13.63
C LYS A 217 16.58 -0.08 12.54
N ASP A 218 16.85 -1.40 12.83
CA ASP A 218 17.55 -2.19 11.78
C ASP A 218 16.79 -2.10 10.44
N SER A 219 15.42 -2.24 10.48
CA SER A 219 14.82 -2.12 9.12
C SER A 219 15.08 -0.77 8.51
N VAL A 220 14.89 0.32 9.29
CA VAL A 220 15.19 1.65 8.74
C VAL A 220 16.64 1.73 8.36
N ASP A 221 17.51 1.18 9.25
CA ASP A 221 18.94 1.22 8.82
C ASP A 221 19.11 0.46 7.50
N TRP A 222 18.45 -0.74 7.41
CA TRP A 222 18.55 -1.40 6.08
C TRP A 222 18.20 -0.53 4.91
N MET A 223 17.04 0.10 4.78
CA MET A 223 16.58 0.89 3.66
C MET A 223 17.42 2.15 3.28
N THR A 224 17.76 2.77 4.41
CA THR A 224 18.67 3.92 4.35
C THR A 224 19.97 3.31 3.82
N ALA A 225 20.39 2.16 4.48
CA ALA A 225 21.63 1.61 3.86
C ALA A 225 21.46 1.42 2.36
N MET A 226 20.29 1.13 1.82
CA MET A 226 20.03 1.01 0.40
C MET A 226 19.70 2.19 -0.46
N GLY A 227 19.44 3.41 0.00
CA GLY A 227 19.12 4.52 -0.90
C GLY A 227 17.90 5.36 -0.45
N ALA A 228 17.23 4.95 0.60
CA ALA A 228 16.05 5.68 1.08
C ALA A 228 16.36 6.86 2.01
N ASP A 229 15.46 7.83 2.06
CA ASP A 229 15.53 8.99 2.94
C ASP A 229 14.50 8.89 4.06
N LEU A 230 14.77 8.55 5.30
CA LEU A 230 13.64 8.43 6.24
C LEU A 230 13.92 9.22 7.55
N THR A 231 14.48 10.37 7.25
CA THR A 231 14.92 11.37 8.25
C THR A 231 13.85 12.25 8.90
N ASP A 232 12.81 12.65 8.14
CA ASP A 232 11.58 13.29 8.65
C ASP A 232 10.83 12.32 9.53
N VAL A 233 10.75 12.63 10.80
CA VAL A 233 10.10 11.78 11.78
C VAL A 233 8.90 12.60 12.24
N GLY A 234 7.70 12.08 11.97
CA GLY A 234 6.46 12.77 12.24
C GLY A 234 5.63 12.04 13.26
N MET A 235 4.58 12.60 13.82
CA MET A 235 3.73 11.80 14.71
C MET A 235 2.53 11.16 13.99
N MET A 236 2.03 10.03 14.51
CA MET A 236 0.85 9.40 13.94
C MET A 236 -0.07 8.99 15.06
N GLY A 237 -1.32 8.62 14.84
CA GLY A 237 -2.17 8.28 15.97
C GLY A 237 -1.66 7.10 16.81
N GLY A 238 -1.84 7.25 18.12
CA GLY A 238 -1.59 6.28 19.13
C GLY A 238 -0.14 6.01 19.41
N ALA A 239 0.75 6.91 19.11
CA ALA A 239 2.19 6.77 19.31
C ALA A 239 2.49 7.72 20.51
N SER A 240 3.52 7.36 21.28
CA SER A 240 3.84 8.22 22.46
C SER A 240 4.64 9.43 22.08
N VAL A 241 5.41 9.30 20.99
CA VAL A 241 6.33 10.31 20.55
C VAL A 241 6.39 10.19 19.04
N ASN A 242 7.10 11.10 18.38
CA ASN A 242 7.17 10.98 16.94
C ASN A 242 8.07 9.80 16.53
N ARG A 243 7.65 9.03 15.51
CA ARG A 243 8.52 7.95 15.05
C ARG A 243 8.09 7.47 13.67
N ALA A 244 7.29 8.30 12.98
CA ALA A 244 6.93 7.87 11.62
C ALA A 244 7.98 8.43 10.66
N HIS A 245 8.88 7.59 10.08
CA HIS A 245 9.90 8.18 9.22
C HIS A 245 9.45 8.28 7.78
N ARG A 246 9.83 9.29 7.03
CA ARG A 246 9.44 9.57 5.66
C ARG A 246 10.55 10.52 5.17
N PRO A 247 10.55 10.80 3.90
CA PRO A 247 11.60 11.62 3.36
C PRO A 247 11.52 13.05 3.89
N THR A 248 12.75 13.57 3.89
CA THR A 248 13.03 14.99 4.28
C THR A 248 11.89 15.90 3.86
N GLY A 249 11.39 16.76 4.75
CA GLY A 249 10.25 17.63 4.63
C GLY A 249 8.82 17.10 4.58
N GLY A 250 8.48 15.84 4.85
CA GLY A 250 7.15 15.25 4.81
C GLY A 250 6.57 14.74 3.54
N ALA A 251 7.41 14.29 2.57
CA ALA A 251 6.85 13.74 1.33
C ALA A 251 6.38 12.28 1.53
N GLY A 252 5.54 11.70 0.72
CA GLY A 252 5.07 10.31 0.89
C GLY A 252 6.16 9.24 0.93
N VAL A 253 6.18 8.39 1.94
CA VAL A 253 7.16 7.38 2.19
C VAL A 253 7.02 6.18 1.19
N GLY A 254 5.81 5.91 0.70
CA GLY A 254 5.49 4.75 -0.08
C GLY A 254 6.07 4.63 -1.48
N ALA A 255 5.75 5.62 -2.33
CA ALA A 255 6.30 5.57 -3.70
C ALA A 255 7.82 5.55 -3.62
N HIS A 256 8.38 6.40 -2.73
CA HIS A 256 9.83 6.46 -2.54
C HIS A 256 10.37 5.10 -2.14
N VAL A 257 9.90 4.51 -1.02
CA VAL A 257 10.41 3.25 -0.58
C VAL A 257 10.30 2.22 -1.68
N VAL A 258 9.17 2.16 -2.38
CA VAL A 258 9.06 1.14 -3.43
C VAL A 258 10.03 1.42 -4.58
N GLN A 259 10.33 2.68 -4.86
CA GLN A 259 11.30 3.03 -5.88
C GLN A 259 12.72 2.70 -5.39
N VAL A 260 13.10 2.74 -4.12
CA VAL A 260 14.43 2.26 -3.70
C VAL A 260 14.59 0.73 -3.75
N LEU A 261 13.49 0.05 -3.39
CA LEU A 261 13.55 -1.43 -3.44
C LEU A 261 13.64 -1.88 -4.89
N TYR A 262 12.86 -1.31 -5.75
CA TYR A 262 12.84 -1.58 -7.16
C TYR A 262 14.23 -1.37 -7.76
N ASP A 263 14.85 -0.20 -7.63
CA ASP A 263 16.24 -0.05 -8.06
C ASP A 263 17.19 -1.05 -7.44
N ASN A 264 17.00 -1.51 -6.24
CA ASN A 264 17.83 -2.48 -5.62
C ASN A 264 17.59 -3.89 -6.20
N ALA A 265 16.39 -4.26 -6.63
CA ALA A 265 16.17 -5.54 -7.30
C ALA A 265 16.83 -5.58 -8.71
N VAL A 266 16.70 -4.49 -9.45
CA VAL A 266 17.26 -4.21 -10.76
C VAL A 266 18.77 -4.21 -10.65
N LYS A 267 19.28 -3.47 -9.64
CA LYS A 267 20.76 -3.53 -9.51
C LYS A 267 21.20 -4.99 -9.45
N ARG A 268 20.50 -5.88 -8.71
CA ARG A 268 20.91 -7.24 -8.61
C ARG A 268 20.37 -8.13 -9.70
N ASN A 269 19.76 -7.64 -10.74
CA ASN A 269 19.21 -8.45 -11.81
C ASN A 269 18.07 -9.39 -11.38
N ILE A 270 17.34 -9.11 -10.29
CA ILE A 270 16.23 -9.92 -9.80
C ILE A 270 15.22 -10.08 -10.90
N ASP A 271 14.86 -11.34 -11.16
CA ASP A 271 13.87 -11.67 -12.19
C ASP A 271 12.45 -11.40 -11.63
N LEU A 272 11.91 -10.35 -12.21
CA LEU A 272 10.64 -9.75 -11.90
C LEU A 272 9.65 -9.95 -13.02
N ARG A 273 8.54 -10.65 -12.76
CA ARG A 273 7.54 -10.90 -13.79
C ARG A 273 6.18 -10.28 -13.43
N MET A 274 5.73 -9.39 -14.30
CA MET A 274 4.41 -8.73 -14.16
C MET A 274 3.32 -9.52 -14.88
N ASN A 275 2.03 -9.23 -14.73
CA ASN A 275 0.91 -10.00 -15.23
C ASN A 275 1.05 -11.51 -14.95
N THR A 276 1.59 -11.89 -13.79
CA THR A 276 1.85 -13.21 -13.32
C THR A 276 1.36 -13.45 -11.88
N ARG A 277 0.29 -14.17 -11.78
CA ARG A 277 -0.40 -14.50 -10.57
C ARG A 277 -0.07 -15.87 -9.99
N GLY A 278 0.22 -15.83 -8.68
CA GLY A 278 0.52 -17.09 -7.98
C GLY A 278 -0.84 -17.69 -7.69
N ILE A 279 -1.00 -18.92 -8.11
CA ILE A 279 -2.19 -19.72 -8.06
C ILE A 279 -2.15 -20.86 -7.05
N GLU A 280 -1.08 -21.69 -7.05
CA GLU A 280 -1.17 -22.80 -6.12
C GLU A 280 0.20 -23.15 -5.56
N VAL A 281 0.36 -23.24 -4.26
CA VAL A 281 1.65 -23.68 -3.73
C VAL A 281 1.63 -25.20 -3.89
N LEU A 282 2.73 -25.73 -4.43
CA LEU A 282 2.84 -27.18 -4.70
C LEU A 282 3.78 -27.83 -3.65
N LYS A 283 3.35 -29.02 -3.26
CA LYS A 283 4.00 -29.76 -2.22
C LYS A 283 4.31 -31.20 -2.69
N ASP A 284 5.41 -31.65 -2.12
CA ASP A 284 6.03 -32.95 -2.39
C ASP A 284 5.32 -33.95 -1.50
N ASP A 285 5.88 -35.17 -1.46
CA ASP A 285 5.17 -36.23 -0.79
C ASP A 285 5.41 -36.26 0.70
N LYS A 286 6.21 -35.34 1.24
CA LYS A 286 6.40 -35.24 2.66
C LYS A 286 5.86 -33.85 3.05
N GLY A 287 4.93 -33.33 2.23
CA GLY A 287 4.28 -32.08 2.52
C GLY A 287 5.11 -30.86 2.63
N THR A 288 6.27 -30.77 2.09
CA THR A 288 7.08 -29.57 2.08
C THR A 288 6.94 -28.97 0.70
N VAL A 289 7.24 -27.67 0.64
CA VAL A 289 7.06 -27.04 -0.64
C VAL A 289 8.08 -27.51 -1.67
N LYS A 290 7.49 -27.64 -2.90
CA LYS A 290 8.32 -27.94 -4.06
C LYS A 290 8.14 -26.95 -5.20
N GLY A 291 7.17 -26.02 -5.19
CA GLY A 291 7.22 -25.03 -6.27
C GLY A 291 5.89 -24.29 -6.23
N ILE A 292 5.53 -23.63 -7.31
CA ILE A 292 4.23 -22.99 -7.34
C ILE A 292 3.67 -23.01 -8.73
N LEU A 293 2.34 -23.13 -8.85
CA LEU A 293 1.78 -22.99 -10.25
C LEU A 293 1.43 -21.51 -10.41
N VAL A 294 1.61 -20.90 -11.59
CA VAL A 294 1.29 -19.47 -11.68
C VAL A 294 0.39 -19.34 -12.89
N LYS A 295 -0.21 -18.22 -13.13
CA LYS A 295 -1.03 -18.06 -14.35
C LYS A 295 -0.53 -16.79 -15.04
N GLY A 296 0.19 -16.95 -16.13
CA GLY A 296 0.69 -15.72 -16.83
C GLY A 296 -0.49 -15.21 -17.62
N MET A 297 -0.84 -13.93 -17.50
CA MET A 297 -1.97 -13.36 -18.24
C MET A 297 -1.75 -13.59 -19.77
N TYR A 298 -0.50 -13.50 -20.21
CA TYR A 298 -0.24 -13.61 -21.64
C TYR A 298 0.29 -14.96 -22.10
N LYS A 299 1.12 -15.65 -21.32
CA LYS A 299 1.55 -16.94 -21.87
C LYS A 299 0.85 -18.10 -21.21
N GLY A 300 -0.09 -17.93 -20.26
CA GLY A 300 -0.75 -19.10 -19.66
C GLY A 300 -0.21 -19.60 -18.33
N TYR A 301 -0.63 -20.80 -17.96
CA TYR A 301 -0.31 -21.54 -16.77
C TYR A 301 1.06 -22.20 -16.92
N TYR A 302 1.79 -22.24 -15.82
CA TYR A 302 3.08 -22.88 -15.80
C TYR A 302 3.47 -22.91 -14.32
N TRP A 303 4.45 -23.80 -14.08
CA TRP A 303 4.97 -23.89 -12.71
C TRP A 303 6.50 -23.67 -12.68
N VAL A 304 6.81 -23.25 -11.45
CA VAL A 304 8.22 -22.93 -11.15
C VAL A 304 8.62 -23.88 -10.04
N LYS A 305 9.72 -24.60 -10.24
CA LYS A 305 10.18 -25.44 -9.10
C LYS A 305 11.10 -24.65 -8.20
N ALA A 306 10.92 -24.80 -6.88
CA ALA A 306 11.75 -24.00 -5.93
C ALA A 306 11.70 -24.68 -4.58
N ASP A 307 12.54 -24.32 -3.64
CA ASP A 307 12.49 -24.93 -2.31
C ASP A 307 11.55 -24.24 -1.32
N ALA A 308 11.42 -22.94 -1.55
CA ALA A 308 10.64 -22.06 -0.68
C ALA A 308 9.81 -21.02 -1.45
N VAL A 309 8.61 -20.75 -0.92
CA VAL A 309 7.68 -19.84 -1.55
C VAL A 309 7.30 -18.80 -0.47
N ILE A 310 7.52 -17.53 -0.73
CA ILE A 310 7.27 -16.39 0.10
C ILE A 310 6.01 -15.69 -0.39
N LEU A 311 4.96 -15.77 0.42
CA LEU A 311 3.73 -15.09 0.06
C LEU A 311 3.80 -13.68 0.65
N ALA A 312 3.84 -12.66 -0.19
CA ALA A 312 3.83 -11.25 0.22
C ALA A 312 2.73 -10.53 -0.55
N THR A 313 1.49 -11.08 -0.53
CA THR A 313 0.43 -10.60 -1.39
C THR A 313 -0.43 -9.44 -0.89
N GLY A 314 -0.20 -8.89 0.29
CA GLY A 314 -0.95 -7.90 0.96
C GLY A 314 -2.34 -8.30 1.45
N GLY A 315 -3.20 -7.31 1.78
CA GLY A 315 -4.45 -7.67 2.44
C GLY A 315 -5.61 -7.80 1.44
N PHE A 316 -6.82 -7.66 1.99
CA PHE A 316 -8.04 -7.79 1.19
C PHE A 316 -9.00 -6.62 1.45
N ALA A 317 -8.41 -5.43 1.66
CA ALA A 317 -9.26 -4.29 1.96
C ALA A 317 -10.02 -3.67 0.79
N LYS A 318 -9.62 -4.02 -0.44
CA LYS A 318 -10.42 -3.64 -1.56
C LYS A 318 -11.67 -4.50 -1.69
N ASN A 319 -11.67 -5.72 -1.19
CA ASN A 319 -12.77 -6.65 -1.32
C ASN A 319 -13.89 -6.42 -0.32
N ASN A 320 -14.79 -5.50 -0.52
CA ASN A 320 -15.86 -5.24 0.49
C ASN A 320 -16.75 -6.42 0.80
N GLU A 321 -16.92 -7.34 -0.19
CA GLU A 321 -17.80 -8.50 0.12
C GLU A 321 -17.24 -9.31 1.25
N ARG A 322 -15.88 -9.60 1.20
CA ARG A 322 -15.23 -10.38 2.21
C ARG A 322 -15.12 -9.52 3.47
N VAL A 323 -14.80 -8.22 3.28
CA VAL A 323 -14.81 -7.37 4.48
C VAL A 323 -16.18 -7.40 5.12
N ALA A 324 -17.27 -7.14 4.39
CA ALA A 324 -18.62 -7.12 4.95
C ALA A 324 -19.09 -8.40 5.62
N LYS A 325 -18.62 -9.56 5.22
CA LYS A 325 -18.86 -10.81 5.87
C LYS A 325 -18.23 -10.85 7.25
N LEU A 326 -17.04 -10.34 7.36
CA LEU A 326 -16.29 -10.27 8.57
C LEU A 326 -16.68 -9.10 9.44
N ASP A 327 -16.96 -7.95 8.87
CA ASP A 327 -17.39 -6.76 9.63
C ASP A 327 -18.54 -6.15 8.92
N PRO A 328 -19.78 -6.42 9.31
CA PRO A 328 -20.90 -5.88 8.54
C PRO A 328 -20.98 -4.37 8.62
N SER A 329 -20.29 -3.75 9.59
CA SER A 329 -20.41 -2.27 9.70
C SER A 329 -19.62 -1.55 8.60
N LEU A 330 -18.74 -2.33 7.93
CA LEU A 330 -17.95 -1.72 6.86
C LEU A 330 -18.56 -1.88 5.52
N LYS A 331 -19.67 -2.64 5.50
CA LYS A 331 -20.24 -3.00 4.19
C LYS A 331 -20.60 -1.76 3.41
N GLY A 332 -20.26 -1.53 2.15
CA GLY A 332 -20.62 -0.29 1.48
C GLY A 332 -19.61 0.84 1.49
N PHE A 333 -18.63 0.84 2.42
CA PHE A 333 -17.63 1.89 2.49
C PHE A 333 -16.67 1.91 1.32
N ILE A 334 -16.18 3.01 0.81
CA ILE A 334 -15.13 3.08 -0.19
C ILE A 334 -13.82 2.60 0.46
N SER A 335 -12.91 2.09 -0.28
CA SER A 335 -11.60 1.59 0.15
C SER A 335 -10.56 2.56 -0.36
N THR A 336 -9.46 2.59 0.36
CA THR A 336 -8.28 3.35 -0.02
C THR A 336 -7.35 2.54 -0.90
N ASN A 337 -7.59 1.25 -1.15
CA ASN A 337 -6.58 0.35 -1.65
C ASN A 337 -6.41 0.27 -3.18
N GLN A 338 -5.30 -0.29 -3.65
CA GLN A 338 -5.13 -0.58 -5.11
C GLN A 338 -6.20 -1.58 -5.53
N PRO A 339 -6.55 -1.76 -6.81
CA PRO A 339 -7.60 -2.61 -7.26
C PRO A 339 -7.43 -4.08 -7.07
N GLY A 340 -6.19 -4.56 -6.91
CA GLY A 340 -6.06 -6.03 -6.71
C GLY A 340 -5.89 -6.43 -5.28
N ALA A 341 -6.16 -5.54 -4.27
CA ALA A 341 -6.00 -5.93 -2.87
C ALA A 341 -7.23 -6.64 -2.33
N VAL A 342 -7.44 -7.87 -2.84
CA VAL A 342 -8.64 -8.61 -2.61
C VAL A 342 -8.48 -9.90 -1.89
N GLY A 343 -7.35 -10.38 -1.48
CA GLY A 343 -7.21 -11.53 -0.58
C GLY A 343 -6.99 -12.85 -1.27
N ASP A 344 -6.74 -12.78 -2.61
CA ASP A 344 -6.50 -14.07 -3.34
C ASP A 344 -5.27 -14.75 -2.72
N GLY A 345 -4.28 -13.92 -2.43
CA GLY A 345 -3.04 -14.35 -1.80
C GLY A 345 -3.32 -15.10 -0.51
N LEU A 346 -4.29 -14.81 0.32
CA LEU A 346 -4.73 -15.60 1.45
C LEU A 346 -5.32 -16.96 1.10
N ASP A 347 -6.17 -16.97 0.06
CA ASP A 347 -6.73 -18.24 -0.37
C ASP A 347 -5.57 -19.14 -0.74
N VAL A 348 -4.52 -18.54 -1.42
CA VAL A 348 -3.40 -19.39 -1.84
C VAL A 348 -2.80 -19.98 -0.59
N ALA A 349 -2.58 -19.11 0.41
CA ALA A 349 -2.02 -19.60 1.68
C ALA A 349 -2.88 -20.70 2.30
N GLU A 350 -4.17 -20.50 2.55
CA GLU A 350 -5.01 -21.54 3.12
C GLU A 350 -4.97 -22.86 2.34
N ASN A 351 -5.09 -22.80 0.99
CA ASN A 351 -5.13 -23.97 0.16
C ASN A 351 -3.86 -24.78 0.41
N ALA A 352 -2.77 -24.20 0.86
CA ALA A 352 -1.51 -24.88 1.09
C ALA A 352 -1.46 -25.35 2.56
N GLY A 353 -2.53 -25.07 3.31
CA GLY A 353 -2.52 -25.54 4.73
C GLY A 353 -2.34 -24.47 5.75
N GLY A 354 -2.07 -23.22 5.38
CA GLY A 354 -1.78 -22.16 6.35
C GLY A 354 -3.06 -21.80 7.09
N ALA A 355 -3.04 -21.52 8.37
CA ALA A 355 -4.37 -21.20 8.97
C ALA A 355 -4.37 -19.67 9.16
N LEU A 356 -5.55 -19.08 9.13
CA LEU A 356 -5.71 -17.66 9.24
C LEU A 356 -6.03 -17.29 10.68
N LYS A 357 -5.84 -16.00 11.00
CA LYS A 357 -6.18 -15.53 12.35
C LYS A 357 -6.36 -14.02 12.30
N ASP A 358 -7.20 -13.57 13.20
CA ASP A 358 -7.51 -12.17 13.45
C ASP A 358 -8.22 -11.50 12.31
N MET A 359 -8.84 -12.26 11.42
CA MET A 359 -9.47 -11.89 10.16
C MET A 359 -10.65 -10.96 10.32
N GLN A 360 -11.35 -10.99 11.46
CA GLN A 360 -12.48 -10.10 11.72
C GLN A 360 -12.07 -8.66 12.08
N TYR A 361 -10.82 -8.40 12.46
CA TYR A 361 -10.23 -7.13 12.73
C TYR A 361 -9.84 -6.36 11.44
N ILE A 362 -10.72 -5.46 11.03
CA ILE A 362 -10.37 -4.78 9.72
C ILE A 362 -10.22 -3.29 9.98
N GLN A 363 -9.12 -2.62 9.64
CA GLN A 363 -9.06 -1.20 9.99
C GLN A 363 -9.70 -0.33 8.92
N ALA A 364 -10.47 0.69 9.34
CA ALA A 364 -10.92 1.69 8.42
C ALA A 364 -10.00 2.92 8.68
N HIS A 365 -9.47 3.51 7.63
CA HIS A 365 -8.73 4.76 7.84
C HIS A 365 -9.79 5.87 8.08
N PRO A 366 -9.59 6.67 9.12
CA PRO A 366 -10.51 7.72 9.51
C PRO A 366 -10.75 8.77 8.44
N THR A 367 -9.71 9.21 7.72
CA THR A 367 -9.88 10.29 6.77
C THR A 367 -9.61 10.05 5.30
N LEU A 368 -10.55 9.42 4.66
CA LEU A 368 -10.61 9.35 3.21
C LEU A 368 -11.20 10.71 2.78
N SER A 369 -10.73 11.22 1.63
CA SER A 369 -11.30 12.50 1.21
C SER A 369 -12.68 12.27 0.65
N VAL A 370 -13.76 12.82 1.28
CA VAL A 370 -15.08 12.65 0.67
C VAL A 370 -15.01 13.02 -0.79
N LYS A 371 -14.48 14.18 -1.11
CA LYS A 371 -14.36 14.65 -2.47
C LYS A 371 -13.52 13.70 -3.35
N GLY A 372 -12.24 13.52 -3.10
CA GLY A 372 -11.39 12.79 -4.03
C GLY A 372 -11.55 11.28 -4.03
N GLY A 373 -12.15 10.63 -3.04
CA GLY A 373 -12.23 9.21 -2.86
C GLY A 373 -10.80 8.62 -2.63
N VAL A 374 -9.87 9.38 -2.18
CA VAL A 374 -8.53 8.94 -1.85
C VAL A 374 -8.26 9.26 -0.36
N MET A 375 -7.32 8.46 0.22
CA MET A 375 -6.94 8.63 1.58
C MET A 375 -6.15 9.94 1.78
N VAL A 376 -6.34 10.64 2.90
CA VAL A 376 -5.63 11.85 3.30
C VAL A 376 -4.74 11.49 4.51
N THR A 377 -3.43 11.53 4.38
CA THR A 377 -2.58 10.95 5.44
C THR A 377 -2.96 11.59 6.78
N GLU A 378 -2.96 10.74 7.79
CA GLU A 378 -3.03 10.89 9.18
C GLU A 378 -1.85 11.79 9.59
N ALA A 379 -0.75 11.85 8.81
CA ALA A 379 0.32 12.82 9.10
C ALA A 379 -0.10 14.32 9.03
N VAL A 380 -1.23 14.61 8.36
CA VAL A 380 -1.85 15.92 8.28
C VAL A 380 -2.28 16.24 9.72
N ARG A 381 -2.87 15.28 10.44
CA ARG A 381 -3.25 15.52 11.81
C ARG A 381 -1.99 15.50 12.64
N GLY A 382 -1.17 14.48 12.60
CA GLY A 382 0.11 14.51 13.37
C GLY A 382 0.90 15.82 13.23
N ASN A 383 1.01 16.48 12.10
CA ASN A 383 1.75 17.71 11.91
C ASN A 383 0.98 18.96 12.40
N GLY A 384 -0.27 18.74 12.87
CA GLY A 384 -1.03 19.72 13.62
C GLY A 384 -2.44 19.98 13.20
N ALA A 385 -2.99 19.41 12.11
CA ALA A 385 -4.34 19.68 11.76
C ALA A 385 -5.28 19.27 12.89
N ILE A 386 -6.43 19.94 12.99
CA ILE A 386 -7.51 19.49 13.89
C ILE A 386 -8.65 18.90 13.05
N LEU A 387 -9.65 18.26 13.67
CA LEU A 387 -10.86 17.95 12.99
C LEU A 387 -12.04 18.78 13.49
N VAL A 388 -12.93 19.15 12.56
CA VAL A 388 -14.11 19.90 12.98
C VAL A 388 -15.32 19.27 12.34
N ASN A 389 -16.45 19.39 13.03
CA ASN A 389 -17.69 18.86 12.49
C ASN A 389 -18.43 19.98 11.74
N ARG A 390 -19.65 19.68 11.27
CA ARG A 390 -20.38 20.74 10.54
C ARG A 390 -20.75 21.89 11.43
N GLU A 391 -20.77 21.71 12.74
CA GLU A 391 -21.09 22.80 13.66
C GLU A 391 -19.85 23.64 13.94
N GLY A 392 -18.68 23.35 13.30
CA GLY A 392 -17.49 24.15 13.48
C GLY A 392 -16.69 23.91 14.74
N LYS A 393 -16.96 22.76 15.34
CA LYS A 393 -16.37 22.37 16.59
C LYS A 393 -15.52 21.09 16.44
N ARG A 394 -14.53 21.06 17.36
CA ARG A 394 -13.75 19.83 17.51
C ARG A 394 -14.67 18.78 18.18
N PHE A 395 -14.37 17.52 18.05
CA PHE A 395 -15.24 16.48 18.63
C PHE A 395 -14.40 15.26 18.97
N VAL A 396 -13.09 15.27 18.71
CA VAL A 396 -12.26 14.11 19.00
C VAL A 396 -10.77 14.45 19.16
N ASN A 397 -9.99 13.66 19.87
CA ASN A 397 -8.54 13.83 19.91
C ASN A 397 -8.08 13.26 18.54
N GLU A 398 -7.58 14.11 17.67
CA GLU A 398 -7.26 13.76 16.33
C GLU A 398 -6.06 12.85 16.22
N ILE A 399 -5.22 12.73 17.24
CA ILE A 399 -4.11 11.80 17.18
C ILE A 399 -4.43 10.63 18.10
N THR A 400 -5.70 10.19 18.20
CA THR A 400 -6.06 8.96 18.89
C THR A 400 -6.01 7.76 17.92
N THR A 401 -6.40 6.56 18.41
CA THR A 401 -6.41 5.39 17.51
C THR A 401 -7.56 5.45 16.49
N ARG A 402 -7.32 4.70 15.42
CA ARG A 402 -8.13 4.73 14.20
C ARG A 402 -9.54 4.25 14.36
N ASP A 403 -9.68 3.15 15.15
CA ASP A 403 -11.01 2.66 15.51
C ASP A 403 -11.86 3.86 16.07
N LYS A 404 -11.33 4.50 17.06
CA LYS A 404 -11.89 5.63 17.81
C LYS A 404 -12.09 6.90 16.99
N ALA A 405 -11.12 7.21 16.14
CA ALA A 405 -11.36 8.40 15.28
C ALA A 405 -12.44 8.17 14.28
N SER A 406 -12.34 6.97 13.71
CA SER A 406 -13.36 6.62 12.68
C SER A 406 -14.79 6.71 13.22
N ALA A 407 -15.02 6.10 14.39
CA ALA A 407 -16.27 6.09 15.12
C ALA A 407 -16.71 7.54 15.42
N ALA A 408 -15.75 8.32 15.95
CA ALA A 408 -16.08 9.75 16.23
C ALA A 408 -16.63 10.45 15.02
N ILE A 409 -16.00 10.26 13.85
CA ILE A 409 -16.24 10.95 12.63
C ILE A 409 -17.56 10.45 12.08
N LEU A 410 -17.75 9.14 12.14
CA LEU A 410 -19.06 8.68 11.63
C LEU A 410 -20.22 9.22 12.45
N ALA A 411 -20.04 9.49 13.74
CA ALA A 411 -21.12 10.04 14.57
C ALA A 411 -21.34 11.54 14.36
N GLN A 412 -20.64 12.20 13.46
CA GLN A 412 -20.76 13.63 13.33
C GLN A 412 -21.83 13.78 12.25
N THR A 413 -22.44 14.92 12.28
CA THR A 413 -23.45 15.35 11.35
C THR A 413 -23.02 15.22 9.90
N GLY A 414 -23.85 14.41 9.22
CA GLY A 414 -23.61 14.10 7.82
C GLY A 414 -22.54 13.03 7.66
N LYS A 415 -22.14 12.33 8.68
CA LYS A 415 -21.22 11.24 8.78
C LYS A 415 -19.82 11.49 8.24
N SER A 416 -19.44 12.76 8.23
CA SER A 416 -18.14 13.20 7.79
C SER A 416 -17.72 14.40 8.65
N ALA A 417 -16.48 14.82 8.45
CA ALA A 417 -15.90 15.88 9.21
C ALA A 417 -14.84 16.50 8.31
N TYR A 418 -14.22 17.50 8.87
CA TYR A 418 -13.29 18.32 8.10
C TYR A 418 -11.90 18.42 8.75
N LEU A 419 -10.85 18.16 8.02
CA LEU A 419 -9.51 18.49 8.49
C LEU A 419 -9.32 20.00 8.40
N ILE A 420 -8.86 20.75 9.39
CA ILE A 420 -8.75 22.22 9.17
C ILE A 420 -7.28 22.54 9.45
N PHE A 421 -6.53 23.27 8.67
CA PHE A 421 -5.16 23.57 9.10
C PHE A 421 -4.73 24.89 8.50
N ASP A 422 -3.51 25.39 8.79
CA ASP A 422 -3.01 26.62 8.10
C ASP A 422 -1.77 26.36 7.22
N ASP A 423 -1.03 27.44 6.86
CA ASP A 423 0.19 27.29 6.06
C ASP A 423 1.31 26.76 6.93
N SER A 424 1.29 27.10 8.21
CA SER A 424 2.35 26.48 9.05
C SER A 424 2.25 24.95 8.85
N VAL A 425 1.09 24.34 9.03
CA VAL A 425 0.96 22.90 8.88
C VAL A 425 1.29 22.46 7.44
N ARG A 426 0.77 23.13 6.47
CA ARG A 426 0.93 22.82 5.05
C ARG A 426 2.42 22.76 4.68
N LYS A 427 3.17 23.79 5.15
CA LYS A 427 4.59 23.98 5.00
C LYS A 427 5.48 22.92 5.65
N SER A 428 5.01 22.27 6.68
CA SER A 428 5.68 21.24 7.38
C SER A 428 5.48 19.86 6.71
N LEU A 429 4.59 19.71 5.77
CA LEU A 429 4.35 18.34 5.20
C LEU A 429 4.08 18.46 3.73
N SER A 430 5.07 18.32 2.83
CA SER A 430 4.83 18.53 1.43
C SER A 430 3.71 17.70 0.82
N LYS A 431 3.43 16.49 1.33
CA LYS A 431 2.31 15.72 0.80
C LYS A 431 1.02 16.50 0.70
N ILE A 432 0.79 17.47 1.64
CA ILE A 432 -0.45 18.26 1.58
C ILE A 432 -0.54 18.95 0.24
N ASP A 433 0.60 19.33 -0.30
CA ASP A 433 0.61 20.03 -1.62
C ASP A 433 -0.07 19.14 -2.61
N LYS A 434 0.19 17.81 -2.45
CA LYS A 434 -0.51 16.86 -3.30
C LYS A 434 -1.99 17.04 -3.06
N TYR A 435 -2.64 17.22 -1.89
CA TYR A 435 -4.12 17.28 -1.86
C TYR A 435 -4.71 18.59 -2.38
N ILE A 436 -3.94 19.64 -2.19
CA ILE A 436 -4.16 21.00 -2.70
C ILE A 436 -4.17 20.85 -4.22
N GLY A 437 -3.13 20.16 -4.72
CA GLY A 437 -3.05 19.85 -6.16
C GLY A 437 -4.21 19.03 -6.65
N LEU A 438 -4.69 18.05 -5.93
CA LEU A 438 -5.86 17.25 -6.33
C LEU A 438 -7.18 17.99 -6.31
N GLY A 439 -7.17 19.11 -5.61
CA GLY A 439 -8.25 20.05 -5.44
C GLY A 439 -9.13 19.72 -4.22
N VAL A 440 -8.51 18.98 -3.27
CA VAL A 440 -9.46 18.52 -2.22
C VAL A 440 -9.32 19.41 -0.98
N ALA A 441 -8.56 20.50 -1.06
CA ALA A 441 -8.28 21.37 0.02
C ALA A 441 -8.71 22.83 -0.22
N PRO A 442 -9.98 23.15 -0.18
CA PRO A 442 -10.53 24.48 -0.20
C PRO A 442 -9.72 25.37 0.75
N THR A 443 -9.61 26.66 0.35
CA THR A 443 -8.79 27.55 1.14
C THR A 443 -9.31 28.99 1.20
N ALA A 444 -8.95 29.72 2.25
CA ALA A 444 -9.47 31.08 2.29
C ALA A 444 -8.62 31.84 3.28
N ASP A 445 -8.74 33.19 3.23
CA ASP A 445 -7.91 33.89 4.16
C ASP A 445 -8.59 34.15 5.50
N SER A 446 -9.73 33.56 5.75
CA SER A 446 -10.24 33.66 7.16
C SER A 446 -11.10 32.42 7.40
N LEU A 447 -11.34 32.07 8.68
CA LEU A 447 -12.20 30.90 8.90
C LEU A 447 -13.64 31.21 8.61
N VAL A 448 -14.10 32.46 8.66
CA VAL A 448 -15.51 32.73 8.31
C VAL A 448 -15.69 32.42 6.83
N LYS A 449 -14.79 32.87 5.97
CA LYS A 449 -14.96 32.65 4.53
C LYS A 449 -14.86 31.17 4.16
N LEU A 450 -13.96 30.43 4.82
CA LEU A 450 -13.80 28.98 4.53
C LEU A 450 -15.04 28.27 4.99
N GLY A 451 -15.54 28.59 6.19
CA GLY A 451 -16.73 27.84 6.68
C GLY A 451 -17.88 28.07 5.73
N LYS A 452 -17.93 29.32 5.21
CA LYS A 452 -18.97 29.72 4.28
C LYS A 452 -18.75 28.98 2.96
N MET A 453 -17.51 28.75 2.57
CA MET A 453 -17.35 27.99 1.33
C MET A 453 -17.83 26.55 1.46
N GLU A 454 -17.43 26.02 2.62
CA GLU A 454 -17.64 24.62 2.93
C GLU A 454 -18.85 24.21 3.71
N GLY A 455 -19.76 25.09 4.10
CA GLY A 455 -20.91 24.58 4.87
C GLY A 455 -20.62 24.37 6.36
N ILE A 456 -19.54 24.94 6.92
CA ILE A 456 -19.32 24.83 8.38
C ILE A 456 -19.67 26.19 9.00
N ASP A 457 -20.29 26.23 10.17
CA ASP A 457 -20.60 27.49 10.87
C ASP A 457 -19.32 28.31 11.03
N GLY A 458 -19.28 29.46 10.43
CA GLY A 458 -18.08 30.29 10.36
C GLY A 458 -17.56 30.85 11.62
N LYS A 459 -18.48 31.37 12.44
CA LYS A 459 -18.05 32.02 13.69
C LYS A 459 -17.72 30.95 14.70
N ALA A 460 -18.45 29.83 14.62
CA ALA A 460 -18.13 28.74 15.55
C ALA A 460 -16.71 28.24 15.26
N LEU A 461 -16.47 28.04 13.97
CA LEU A 461 -15.16 27.48 13.57
C LEU A 461 -14.07 28.44 13.97
N THR A 462 -14.39 29.79 13.83
CA THR A 462 -13.36 30.76 14.12
C THR A 462 -13.05 30.66 15.58
N GLU A 463 -14.19 30.60 16.37
CA GLU A 463 -13.97 30.53 17.83
C GLU A 463 -13.28 29.21 18.15
N THR A 464 -13.50 28.15 17.33
CA THR A 464 -12.88 26.84 17.67
C THR A 464 -11.36 26.84 17.52
N VAL A 465 -10.89 27.54 16.50
CA VAL A 465 -9.42 27.50 16.20
C VAL A 465 -8.72 28.36 17.19
N ALA A 466 -9.38 29.49 17.50
CA ALA A 466 -8.84 30.33 18.58
C ALA A 466 -8.92 29.57 19.87
N ARG A 467 -9.82 28.71 20.29
CA ARG A 467 -9.64 28.04 21.56
C ARG A 467 -8.49 27.01 21.39
N TYR A 468 -8.56 26.34 20.22
CA TYR A 468 -7.51 25.32 20.00
C TYR A 468 -6.13 25.95 20.24
N ASN A 469 -5.92 27.08 19.53
CA ASN A 469 -4.66 27.81 19.51
C ASN A 469 -4.22 28.33 20.87
N SER A 470 -5.12 28.51 21.81
CA SER A 470 -4.73 28.91 23.15
C SER A 470 -4.34 27.62 23.84
N LEU A 471 -5.07 26.54 23.56
CA LEU A 471 -4.75 25.23 24.08
C LEU A 471 -3.34 24.80 23.65
N VAL A 472 -2.92 25.03 22.43
CA VAL A 472 -1.58 24.80 21.91
C VAL A 472 -0.60 25.58 22.81
N SER A 473 -0.82 26.89 22.91
CA SER A 473 0.02 27.78 23.74
C SER A 473 0.14 27.33 25.19
N SER A 474 -0.98 27.00 25.81
CA SER A 474 -0.93 26.54 27.20
C SER A 474 -0.58 25.09 27.35
N GLY A 475 -0.15 24.35 26.32
CA GLY A 475 0.31 23.00 26.27
C GLY A 475 -0.54 21.84 26.67
N LYS A 476 -1.78 22.03 27.10
CA LYS A 476 -2.70 20.99 27.50
C LYS A 476 -4.08 21.12 26.80
N ASP A 477 -4.47 20.03 26.13
CA ASP A 477 -5.80 20.04 25.51
C ASP A 477 -6.72 19.50 26.58
N THR A 478 -7.38 20.43 27.28
CA THR A 478 -8.30 20.03 28.35
C THR A 478 -9.67 19.68 27.79
N ASP A 479 -9.92 20.03 26.52
CA ASP A 479 -11.13 19.63 25.81
C ASP A 479 -11.11 18.15 25.35
N PHE A 480 -10.10 17.69 24.58
CA PHE A 480 -10.13 16.30 24.13
C PHE A 480 -8.89 15.49 24.44
N GLU A 481 -8.01 16.04 25.25
CA GLU A 481 -6.77 15.51 25.70
C GLU A 481 -5.89 14.89 24.60
N ARG A 482 -5.76 15.65 23.52
CA ARG A 482 -4.80 15.36 22.50
C ARG A 482 -3.44 15.72 23.15
N PRO A 483 -2.56 14.71 23.29
CA PRO A 483 -1.29 14.79 23.97
C PRO A 483 -0.14 15.46 23.27
N ASN A 484 -0.31 15.78 22.00
CA ASN A 484 0.77 16.37 21.21
C ASN A 484 0.02 17.49 20.46
N LEU A 485 0.46 18.68 20.74
CA LEU A 485 -0.19 19.86 20.15
C LEU A 485 0.99 20.63 19.60
N PRO A 486 1.38 20.28 18.39
CA PRO A 486 2.63 20.81 17.85
C PRO A 486 2.55 22.14 17.19
N ARG A 487 1.38 22.64 16.77
CA ARG A 487 1.43 23.90 16.06
C ARG A 487 0.15 24.68 16.30
N ALA A 488 0.32 25.99 16.45
CA ALA A 488 -0.86 26.88 16.53
C ALA A 488 -1.45 26.97 15.15
N LEU A 489 -2.72 27.09 14.81
CA LEU A 489 -3.09 27.26 13.39
C LEU A 489 -3.36 28.75 13.18
N ASN A 490 -2.34 29.52 12.83
CA ASN A 490 -2.42 30.96 12.85
C ASN A 490 -1.44 31.59 11.86
N GLU A 491 -0.79 30.74 11.04
CA GLU A 491 0.06 31.30 10.02
C GLU A 491 -0.47 31.25 8.61
N GLY A 492 -0.75 32.38 7.98
CA GLY A 492 -1.16 32.45 6.58
C GLY A 492 -2.58 32.04 6.31
N ASN A 493 -2.98 31.50 5.15
CA ASN A 493 -4.35 31.09 4.92
C ASN A 493 -4.75 29.78 5.62
N TYR A 494 -6.02 29.43 5.42
CA TYR A 494 -6.60 28.25 6.06
C TYR A 494 -7.18 27.33 5.01
N TYR A 495 -7.29 26.04 5.37
CA TYR A 495 -7.75 25.04 4.42
C TYR A 495 -8.66 24.04 5.18
N ALA A 496 -9.59 23.47 4.43
CA ALA A 496 -10.45 22.41 4.96
C ALA A 496 -10.44 21.23 3.96
N ILE A 497 -10.52 19.99 4.46
CA ILE A 497 -10.56 18.78 3.63
C ILE A 497 -11.67 17.91 4.21
N GLU A 498 -12.75 17.69 3.45
CA GLU A 498 -13.85 16.93 3.92
C GLU A 498 -13.43 15.46 4.00
N VAL A 499 -13.61 14.81 5.15
CA VAL A 499 -13.07 13.46 5.36
C VAL A 499 -14.08 12.51 6.00
N THR A 500 -13.99 11.22 5.75
CA THR A 500 -14.87 10.17 6.30
C THR A 500 -14.10 8.87 6.18
N PRO A 501 -14.28 7.86 7.03
CA PRO A 501 -13.60 6.61 7.01
C PRO A 501 -13.85 5.81 5.73
N GLY A 502 -12.82 5.09 5.32
CA GLY A 502 -12.72 4.22 4.15
C GLY A 502 -11.97 2.95 4.60
N VAL A 503 -12.21 1.81 3.96
CA VAL A 503 -11.61 0.52 4.30
C VAL A 503 -10.17 0.51 3.92
N HIS A 504 -9.27 0.14 4.89
CA HIS A 504 -7.85 0.44 4.51
C HIS A 504 -6.85 -0.66 4.76
N HIS A 505 -7.00 -1.53 5.74
CA HIS A 505 -5.98 -2.51 6.09
C HIS A 505 -6.64 -3.71 6.75
N THR A 506 -6.21 -4.91 6.42
CA THR A 506 -6.81 -6.07 7.11
C THR A 506 -5.84 -6.50 8.14
N MET A 507 -5.98 -6.40 9.49
CA MET A 507 -4.92 -6.86 10.41
C MET A 507 -4.87 -8.37 10.49
N GLY A 508 -5.84 -9.15 10.07
CA GLY A 508 -5.67 -10.57 10.13
C GLY A 508 -5.03 -11.18 8.87
N GLY A 509 -4.73 -12.45 8.87
CA GLY A 509 -4.23 -13.06 7.63
C GLY A 509 -3.54 -14.37 8.05
N VAL A 510 -2.53 -14.79 7.33
CA VAL A 510 -1.93 -16.07 7.59
C VAL A 510 -1.08 -16.02 8.90
N MET A 511 -1.22 -17.19 9.50
CA MET A 511 -0.48 -17.31 10.80
C MET A 511 0.95 -17.57 10.54
N ILE A 512 1.86 -16.71 11.01
CA ILE A 512 3.28 -16.88 10.78
C ILE A 512 3.96 -16.93 12.19
N ASP A 513 5.24 -17.26 12.17
CA ASP A 513 5.93 -17.24 13.47
C ASP A 513 7.04 -16.25 13.30
N THR A 514 7.96 -16.24 14.26
CA THR A 514 8.97 -15.17 14.26
C THR A 514 9.93 -15.29 13.14
N LYS A 515 9.97 -16.47 12.48
CA LYS A 515 10.86 -16.63 11.34
C LYS A 515 10.07 -16.38 10.06
N ALA A 516 8.79 -16.04 10.19
CA ALA A 516 7.97 -15.75 9.02
C ALA A 516 7.54 -17.03 8.29
N GLU A 517 7.52 -18.14 8.96
CA GLU A 517 7.10 -19.42 8.48
C GLU A 517 5.60 -19.55 8.63
N VAL A 518 4.87 -19.97 7.61
CA VAL A 518 3.45 -20.19 7.77
C VAL A 518 3.29 -21.48 8.58
N MET A 519 2.31 -21.51 9.43
CA MET A 519 1.84 -22.59 10.24
C MET A 519 0.41 -22.95 9.94
N ASN A 520 0.04 -24.17 10.32
CA ASN A 520 -1.29 -24.70 10.16
C ASN A 520 -2.16 -24.65 11.42
N ALA A 521 -3.40 -25.03 11.37
CA ALA A 521 -4.44 -25.03 12.35
C ALA A 521 -4.03 -25.74 13.63
N LYS A 522 -3.13 -26.71 13.60
CA LYS A 522 -2.46 -27.31 14.74
C LYS A 522 -1.21 -26.57 15.20
N LYS A 523 -0.85 -25.44 14.60
CA LYS A 523 0.38 -24.68 14.83
C LYS A 523 1.67 -25.39 14.42
N GLN A 524 1.64 -26.14 13.32
CA GLN A 524 2.85 -26.78 12.80
C GLN A 524 3.42 -26.05 11.59
N VAL A 525 4.74 -25.90 11.52
CA VAL A 525 5.34 -25.21 10.38
C VAL A 525 5.11 -25.90 9.06
N ILE A 526 4.96 -25.17 7.94
CA ILE A 526 4.83 -25.81 6.61
C ILE A 526 6.15 -25.58 5.94
N PRO A 527 6.91 -26.68 5.85
CA PRO A 527 8.33 -26.52 5.45
C PRO A 527 8.34 -25.88 4.07
N GLY A 528 9.25 -24.90 3.85
CA GLY A 528 9.31 -24.15 2.62
C GLY A 528 8.36 -22.93 2.42
N LEU A 529 7.36 -22.73 3.22
CA LEU A 529 6.36 -21.70 2.96
C LEU A 529 6.45 -20.54 3.97
N TYR A 530 6.61 -19.28 3.49
CA TYR A 530 6.71 -18.11 4.38
C TYR A 530 5.60 -17.09 4.06
N GLY A 531 5.41 -16.20 5.02
CA GLY A 531 4.46 -15.13 4.85
C GLY A 531 5.05 -13.81 5.31
N ALA A 532 4.86 -12.72 4.58
CA ALA A 532 5.41 -11.46 5.08
C ALA A 532 4.49 -10.34 4.65
N GLY A 533 4.28 -9.35 5.54
CA GLY A 533 3.48 -8.20 5.32
C GLY A 533 2.01 -8.25 5.65
N GLU A 534 1.20 -7.47 4.88
CA GLU A 534 -0.23 -7.39 5.31
C GLU A 534 -0.91 -8.74 5.15
N VAL A 535 -0.41 -9.65 4.36
CA VAL A 535 -0.98 -10.99 4.21
C VAL A 535 -1.01 -11.77 5.54
N THR A 536 -0.17 -11.48 6.50
CA THR A 536 -0.11 -12.06 7.84
C THR A 536 -1.04 -11.53 8.89
N GLY A 537 -1.42 -12.38 9.86
CA GLY A 537 -2.07 -11.88 11.06
C GLY A 537 -1.08 -12.08 12.23
N GLY A 538 -1.42 -11.47 13.36
CA GLY A 538 -0.68 -11.58 14.60
C GLY A 538 0.16 -10.36 14.85
N VAL A 539 0.44 -9.53 13.85
CA VAL A 539 1.27 -8.40 14.15
C VAL A 539 0.55 -7.20 14.74
N HIS A 540 -0.53 -6.74 14.09
CA HIS A 540 -1.12 -5.51 14.54
C HIS A 540 -2.32 -5.69 15.43
N GLY A 541 -2.73 -6.91 15.77
CA GLY A 541 -3.88 -7.26 16.56
C GLY A 541 -5.21 -6.64 16.15
N ALA A 542 -6.01 -6.09 17.10
CA ALA A 542 -7.26 -5.43 16.83
C ALA A 542 -7.17 -4.02 16.23
N ASN A 543 -6.07 -3.34 16.26
CA ASN A 543 -6.02 -1.97 15.74
C ASN A 543 -4.57 -1.72 15.41
N ARG A 544 -4.34 -1.46 14.10
CA ARG A 544 -2.92 -1.17 13.76
C ARG A 544 -2.53 0.28 13.99
N LEU A 545 -1.30 0.59 14.28
CA LEU A 545 -0.89 1.99 14.44
C LEU A 545 -0.43 2.60 13.12
N GLY A 546 -0.80 3.81 12.82
CA GLY A 546 -0.33 4.47 11.57
C GLY A 546 1.19 4.42 11.58
N GLY A 547 1.81 4.03 10.42
CA GLY A 547 3.27 3.94 10.48
C GLY A 547 3.71 2.47 10.65
N ASN A 548 2.96 1.62 11.37
CA ASN A 548 3.44 0.27 11.51
C ASN A 548 3.38 -0.68 10.33
N ALA A 549 2.59 -0.52 9.28
CA ALA A 549 2.53 -1.62 8.27
C ALA A 549 3.76 -1.48 7.39
N ILE A 550 4.24 -0.26 7.21
CA ILE A 550 5.41 -0.16 6.35
C ILE A 550 6.60 -0.75 7.16
N SER A 551 6.62 -0.51 8.48
CA SER A 551 7.75 -1.08 9.22
C SER A 551 7.53 -2.57 9.18
N ASP A 552 6.33 -3.07 9.34
CA ASP A 552 6.02 -4.51 9.26
C ASP A 552 6.52 -5.10 7.93
N ILE A 553 6.26 -4.52 6.77
CA ILE A 553 6.61 -5.23 5.52
C ILE A 553 8.12 -5.30 5.27
N ILE A 554 8.80 -4.33 5.82
CA ILE A 554 10.25 -4.25 5.59
C ILE A 554 10.98 -5.25 6.45
N THR A 555 10.59 -5.34 7.70
CA THR A 555 11.09 -6.27 8.67
C THR A 555 10.63 -7.70 8.37
N PHE A 556 9.34 -7.99 8.04
CA PHE A 556 9.06 -9.40 7.85
C PHE A 556 9.45 -9.94 6.50
N GLY A 557 9.54 -9.02 5.56
CA GLY A 557 9.87 -9.24 4.18
C GLY A 557 11.35 -9.72 4.15
N ARG A 558 12.15 -8.88 4.79
CA ARG A 558 13.58 -9.11 4.93
C ARG A 558 13.82 -10.39 5.70
N LEU A 559 13.12 -10.62 6.80
CA LEU A 559 13.47 -11.82 7.52
C LEU A 559 12.96 -13.02 6.71
N ALA A 560 11.88 -12.87 5.95
CA ALA A 560 11.36 -14.07 5.28
C ALA A 560 12.34 -14.50 4.20
N GLY A 561 12.90 -13.56 3.46
CA GLY A 561 13.85 -13.89 2.46
C GLY A 561 15.12 -14.55 2.96
N GLU A 562 15.55 -14.24 4.19
CA GLU A 562 16.74 -14.85 4.79
C GLU A 562 16.35 -16.20 5.33
N GLU A 563 15.17 -16.27 6.00
CA GLU A 563 14.79 -17.61 6.43
C GLU A 563 14.63 -18.53 5.22
N ALA A 564 13.92 -18.06 4.16
CA ALA A 564 13.74 -18.90 2.99
C ALA A 564 15.08 -19.26 2.34
N ALA A 565 16.05 -18.37 2.22
CA ALA A 565 17.29 -18.63 1.54
C ALA A 565 18.23 -19.60 2.26
N LYS A 566 18.12 -19.71 3.55
CA LYS A 566 18.88 -20.52 4.46
C LYS A 566 18.24 -21.90 4.52
N TYR A 567 16.92 -21.92 4.49
CA TYR A 567 16.12 -23.11 4.39
C TYR A 567 16.53 -23.83 3.09
N SER A 568 16.76 -23.03 2.08
CA SER A 568 17.32 -23.21 0.82
C SER A 568 16.46 -22.81 -0.38
#